data_4ZXO
#
_entry.id   4ZXO
#
_cell.length_a   46.856
_cell.length_b   79.434
_cell.length_c   87.176
_cell.angle_alpha   90.00
_cell.angle_beta   90.00
_cell.angle_gamma   90.00
#
_symmetry.space_group_name_H-M   'P 21 21 21'
#
loop_
_entity.id
_entity.type
_entity.pdbx_description
1 polymer 'Glycosyl hydrolase family 26'
2 non-polymer 'POTASSIUM ION'
3 non-polymer 'PHOSPHATE ION'
4 water water
#
_entity_poly.entity_id   1
_entity_poly.type   'polypeptide(L)'
_entity_poly.pdbx_seq_one_letter_code
;GSGETGEKTPETVALLQNLKQAERKGILFGHHDDTAYGIGWEGDKGRSDVKSVCGAYPGVMSFDLGEIELGGTHNLDKVS
FAHLREYIIEQYARGGMISLSWHVRNPKTGGDSWDVTDSTVVASVMQGGENHVKMLEWIDRVADFLLSLKTKEGVLIPVV
FRPWHEHTGSWFWWGKDLCSSEQYKTLWRMTNDRLRLKGVNNVLLAYSPGMESDTVEEYLERYPGDDIIDVLGTDVYQFE
RSQYIKQLNKMLTILTEAGKKHDKPIALTETGLEGIPDSLWWTGTLLPVIEKYPLSYVLVWRNAREKSTHYYAPYPGQVS
ADDFVKFSRSPKILFVGDNFELYKLEHHHHHH
;
_entity_poly.pdbx_strand_id   A
#
# COMPACT_ATOMS: atom_id res chain seq x y z
N LYS A 8 13.26 -12.91 7.53
CA LYS A 8 12.83 -12.55 6.18
C LYS A 8 13.64 -13.29 5.10
N THR A 9 13.01 -13.67 3.98
CA THR A 9 13.73 -14.40 2.92
C THR A 9 14.76 -13.49 2.24
N PRO A 10 15.72 -14.08 1.56
CA PRO A 10 16.72 -13.27 0.88
C PRO A 10 16.15 -12.24 -0.07
N GLU A 11 15.16 -12.65 -0.88
CA GLU A 11 14.51 -11.72 -1.81
C GLU A 11 13.79 -10.59 -1.06
N THR A 12 13.27 -10.91 0.12
CA THR A 12 12.54 -9.92 0.92
C THR A 12 13.50 -8.91 1.53
N VAL A 13 14.61 -9.40 2.08
CA VAL A 13 15.66 -8.51 2.54
C VAL A 13 16.20 -7.66 1.41
N ALA A 14 16.37 -8.25 0.22
CA ALA A 14 16.84 -7.46 -0.90
C ALA A 14 15.83 -6.37 -1.23
N LEU A 15 14.52 -6.69 -1.22
CA LEU A 15 13.56 -5.63 -1.47
C LEU A 15 13.70 -4.49 -0.50
N LEU A 16 13.79 -4.81 0.80
CA LEU A 16 13.94 -3.75 1.81
C LEU A 16 15.19 -2.93 1.58
N GLN A 17 16.31 -3.61 1.30
CA GLN A 17 17.54 -2.86 1.08
C GLN A 17 17.42 -1.95 -0.16
N ASN A 18 16.68 -2.37 -1.19
CA ASN A 18 16.52 -1.52 -2.36
C ASN A 18 15.54 -0.37 -2.08
N LEU A 19 14.51 -0.60 -1.26
CA LEU A 19 13.64 0.53 -0.84
C LEU A 19 14.44 1.56 -0.09
N LYS A 20 15.45 1.10 0.67
CA LYS A 20 16.28 2.01 1.45
C LYS A 20 17.27 2.82 0.61
N GLN A 21 17.43 2.53 -0.66
CA GLN A 21 18.31 3.40 -1.45
C GLN A 21 17.50 4.25 -2.44
N ALA A 22 16.25 4.50 -2.08
CA ALA A 22 15.39 5.39 -2.87
C ALA A 22 16.01 6.73 -3.25
N GLU A 23 16.75 7.34 -2.33
CA GLU A 23 17.31 8.65 -2.62
C GLU A 23 18.19 8.56 -3.89
N ARG A 24 18.84 7.42 -4.07
CA ARG A 24 19.78 7.24 -5.19
C ARG A 24 19.05 6.78 -6.46
N LYS A 25 17.99 6.01 -6.28
CA LYS A 25 17.40 5.29 -7.45
C LYS A 25 16.17 5.99 -8.02
N GLY A 26 15.40 6.66 -7.17
CA GLY A 26 14.16 7.29 -7.65
C GLY A 26 12.96 6.70 -6.93
N ILE A 27 11.79 7.04 -7.45
CA ILE A 27 10.51 6.74 -6.82
C ILE A 27 9.73 5.77 -7.70
N LEU A 28 9.47 4.56 -7.22
CA LEU A 28 8.62 3.64 -8.02
C LEU A 28 7.24 4.16 -8.14
N PHE A 29 6.65 4.09 -9.33
CA PHE A 29 5.27 4.48 -9.49
C PHE A 29 4.33 3.30 -9.34
N GLY A 30 3.22 3.51 -8.62
CA GLY A 30 2.29 2.46 -8.29
C GLY A 30 0.84 2.73 -8.67
N HIS A 31 0.09 1.65 -8.87
CA HIS A 31 -1.33 1.75 -9.11
C HIS A 31 -2.04 0.54 -8.50
N HIS A 32 -3.11 0.79 -7.76
CA HIS A 32 -3.94 -0.27 -7.19
C HIS A 32 -4.78 -0.96 -8.27
N ASP A 33 -4.81 -2.28 -8.15
CA ASP A 33 -5.60 -3.20 -9.01
C ASP A 33 -5.22 -3.01 -10.50
N ASP A 34 -3.96 -2.63 -10.75
CA ASP A 34 -3.59 -2.17 -12.07
C ASP A 34 -3.82 -3.19 -13.19
N THR A 35 -3.49 -4.45 -12.92
CA THR A 35 -3.65 -5.49 -13.91
C THR A 35 -4.89 -6.34 -13.71
N ALA A 36 -5.73 -5.95 -12.75
CA ALA A 36 -6.99 -6.67 -12.55
C ALA A 36 -8.13 -6.08 -13.40
N TYR A 37 -8.19 -4.75 -13.50
CA TYR A 37 -9.28 -4.10 -14.28
C TYR A 37 -8.93 -2.61 -14.43
N GLY A 38 -9.73 -1.89 -15.20
CA GLY A 38 -9.56 -0.46 -15.36
C GLY A 38 -10.80 0.10 -16.01
N ILE A 39 -10.73 1.33 -16.51
CA ILE A 39 -11.94 1.93 -17.07
C ILE A 39 -12.34 1.18 -18.36
N GLY A 40 -13.54 0.57 -18.35
CA GLY A 40 -14.01 -0.16 -19.51
C GLY A 40 -13.59 -1.61 -19.67
N TRP A 41 -12.84 -2.17 -18.71
CA TRP A 41 -12.43 -3.56 -18.86
C TRP A 41 -12.13 -4.26 -17.54
N GLU A 42 -12.15 -5.58 -17.57
CA GLU A 42 -11.81 -6.39 -16.40
C GLU A 42 -11.21 -7.69 -16.89
N GLY A 43 -10.03 -8.04 -16.40
CA GLY A 43 -9.57 -9.40 -16.59
C GLY A 43 -8.78 -9.65 -17.85
N ASP A 44 -8.66 -8.67 -18.75
CA ASP A 44 -7.88 -8.85 -19.98
C ASP A 44 -6.41 -9.17 -19.64
N LYS A 45 -5.87 -10.20 -20.28
CA LYS A 45 -4.54 -10.70 -19.94
C LYS A 45 -3.49 -9.64 -20.25
N GLY A 46 -2.66 -9.31 -19.26
CA GLY A 46 -1.58 -8.34 -19.41
C GLY A 46 -1.99 -6.88 -19.49
N ARG A 47 -3.31 -6.59 -19.51
CA ARG A 47 -3.79 -5.20 -19.70
C ARG A 47 -3.59 -4.38 -18.42
N SER A 48 -3.46 -3.05 -18.59
CA SER A 48 -3.11 -2.11 -17.52
C SER A 48 -3.46 -0.71 -18.00
N ASP A 49 -4.28 0.06 -17.27
CA ASP A 49 -4.56 1.42 -17.77
C ASP A 49 -3.25 2.24 -17.78
N VAL A 50 -2.38 2.00 -16.81
CA VAL A 50 -1.09 2.71 -16.82
C VAL A 50 -0.23 2.37 -18.05
N LYS A 51 -0.07 1.09 -18.34
CA LYS A 51 0.70 0.71 -19.50
C LYS A 51 0.03 1.19 -20.78
N SER A 52 -1.31 1.16 -20.83
CA SER A 52 -2.00 1.61 -22.06
C SER A 52 -1.72 3.07 -22.32
N VAL A 53 -1.42 3.84 -21.27
CA VAL A 53 -1.11 5.27 -21.51
C VAL A 53 0.36 5.53 -21.75
N CYS A 54 1.22 5.02 -20.89
CA CYS A 54 2.63 5.38 -20.98
C CYS A 54 3.53 4.27 -21.55
N GLY A 55 3.02 3.06 -21.73
CA GLY A 55 3.78 2.01 -22.38
C GLY A 55 4.55 1.11 -21.45
N ALA A 56 4.56 1.38 -20.14
CA ALA A 56 5.20 0.43 -19.23
C ALA A 56 4.29 0.13 -18.06
N TYR A 57 4.48 -1.05 -17.50
CA TYR A 57 3.80 -1.37 -16.24
C TYR A 57 4.33 -0.50 -15.07
N PRO A 58 3.46 -0.16 -14.10
CA PRO A 58 3.93 0.58 -12.92
C PRO A 58 4.93 -0.29 -12.11
N GLY A 59 5.90 0.36 -11.49
CA GLY A 59 6.88 -0.32 -10.68
C GLY A 59 6.27 -1.03 -9.47
N VAL A 60 5.13 -0.51 -8.98
CA VAL A 60 4.40 -1.14 -7.87
C VAL A 60 2.98 -1.42 -8.29
N MET A 61 2.47 -2.58 -7.90
CA MET A 61 1.03 -2.86 -8.02
C MET A 61 0.54 -3.24 -6.67
N SER A 62 -0.64 -2.75 -6.31
CA SER A 62 -1.24 -3.20 -5.03
C SER A 62 -2.59 -3.82 -5.29
N PHE A 63 -2.99 -4.63 -4.34
CA PHE A 63 -4.28 -5.32 -4.41
C PHE A 63 -4.79 -5.42 -2.97
N ASP A 64 -6.03 -5.83 -2.80
CA ASP A 64 -6.62 -5.87 -1.45
C ASP A 64 -7.05 -7.26 -1.09
N LEU A 65 -6.80 -7.62 0.18
CA LEU A 65 -7.18 -8.95 0.69
C LEU A 65 -8.52 -8.94 1.45
N GLY A 66 -9.21 -7.81 1.48
CA GLY A 66 -10.47 -7.74 2.20
C GLY A 66 -11.40 -8.85 1.76
N GLU A 67 -11.97 -9.52 2.77
CA GLU A 67 -12.90 -10.69 2.69
C GLU A 67 -12.18 -12.02 2.53
N ILE A 68 -10.84 -12.05 2.44
CA ILE A 68 -10.18 -13.36 2.51
C ILE A 68 -10.52 -14.04 3.81
N GLU A 69 -10.75 -13.25 4.85
CA GLU A 69 -11.06 -13.79 6.18
C GLU A 69 -12.39 -14.55 6.19
N LEU A 70 -13.27 -14.26 5.22
CA LEU A 70 -14.56 -14.97 5.10
C LEU A 70 -14.46 -16.32 4.44
N GLY A 71 -13.30 -16.69 3.94
CA GLY A 71 -13.14 -18.03 3.35
C GLY A 71 -13.73 -18.23 1.96
N GLY A 72 -14.12 -17.13 1.31
CA GLY A 72 -14.67 -17.19 -0.04
C GLY A 72 -13.63 -17.07 -1.11
N THR A 73 -14.09 -16.91 -2.33
CA THR A 73 -13.19 -17.04 -3.48
C THR A 73 -12.77 -15.68 -4.00
N HIS A 74 -13.44 -14.63 -3.54
CA HIS A 74 -13.22 -13.29 -4.10
C HIS A 74 -13.05 -12.28 -3.03
N ASN A 75 -12.30 -11.22 -3.34
CA ASN A 75 -12.14 -10.12 -2.39
C ASN A 75 -13.31 -9.14 -2.47
N LEU A 76 -13.21 -8.07 -1.67
CA LEU A 76 -14.35 -7.13 -1.54
C LEU A 76 -14.64 -6.41 -2.84
N ASP A 77 -13.66 -6.40 -3.74
CA ASP A 77 -13.85 -5.72 -5.03
C ASP A 77 -14.12 -6.71 -6.14
N LYS A 78 -14.54 -7.91 -5.76
CA LYS A 78 -15.00 -8.97 -6.67
C LYS A 78 -13.88 -9.50 -7.58
N VAL A 79 -12.62 -9.44 -7.09
CA VAL A 79 -11.52 -10.04 -7.82
C VAL A 79 -11.14 -11.35 -7.15
N SER A 80 -11.00 -12.45 -7.91
CA SER A 80 -10.79 -13.71 -7.21
C SER A 80 -9.38 -13.75 -6.61
N PHE A 81 -9.24 -14.46 -5.52
CA PHE A 81 -7.92 -14.62 -4.92
C PHE A 81 -7.02 -15.40 -5.85
N ALA A 82 -7.56 -16.33 -6.64
CA ALA A 82 -6.70 -17.06 -7.56
C ALA A 82 -6.17 -16.10 -8.67
N HIS A 83 -7.00 -15.13 -9.08
CA HIS A 83 -6.48 -14.10 -10.02
C HIS A 83 -5.47 -13.19 -9.37
N LEU A 84 -5.72 -12.74 -8.13
CA LEU A 84 -4.71 -11.91 -7.44
C LEU A 84 -3.38 -12.64 -7.40
N ARG A 85 -3.40 -13.94 -7.07
CA ARG A 85 -2.13 -14.66 -7.03
C ARG A 85 -1.42 -14.68 -8.39
N GLU A 86 -2.17 -14.85 -9.46
CA GLU A 86 -1.59 -14.76 -10.81
C GLU A 86 -0.98 -13.40 -11.08
N TYR A 87 -1.70 -12.33 -10.73
CA TYR A 87 -1.21 -11.00 -11.04
C TYR A 87 0.05 -10.72 -10.25
N ILE A 88 0.06 -11.20 -9.01
CA ILE A 88 1.23 -11.01 -8.16
C ILE A 88 2.45 -11.75 -8.72
N ILE A 89 2.27 -13.02 -9.11
CA ILE A 89 3.35 -13.78 -9.71
C ILE A 89 3.87 -13.10 -10.97
N GLU A 90 2.97 -12.57 -11.79
CA GLU A 90 3.39 -11.91 -13.03
C GLU A 90 4.12 -10.59 -12.77
N GLN A 91 3.72 -9.84 -11.75
CA GLN A 91 4.41 -8.60 -11.43
C GLN A 91 5.79 -8.90 -10.92
N TYR A 92 5.92 -9.93 -10.05
CA TYR A 92 7.25 -10.27 -9.60
C TYR A 92 8.13 -10.72 -10.77
N ALA A 93 7.56 -11.50 -11.67
CA ALA A 93 8.33 -12.05 -12.80
C ALA A 93 8.89 -10.91 -13.67
N ARG A 94 8.16 -9.80 -13.79
CA ARG A 94 8.65 -8.72 -14.66
C ARG A 94 9.56 -7.79 -13.86
N GLY A 95 9.73 -8.06 -12.57
CA GLY A 95 10.64 -7.25 -11.75
C GLY A 95 10.00 -6.15 -10.92
N GLY A 96 8.68 -6.06 -10.94
CA GLY A 96 8.04 -5.01 -10.13
C GLY A 96 7.79 -5.44 -8.70
N MET A 97 7.28 -4.47 -7.92
CA MET A 97 6.97 -4.68 -6.51
C MET A 97 5.47 -4.90 -6.31
N ILE A 98 5.12 -5.60 -5.21
CA ILE A 98 3.73 -5.80 -4.83
C ILE A 98 3.44 -5.30 -3.44
N SER A 99 2.32 -4.60 -3.29
CA SER A 99 1.83 -4.26 -1.95
C SER A 99 0.41 -4.75 -1.78
N LEU A 100 0.03 -5.13 -0.57
CA LEU A 100 -1.34 -5.62 -0.31
C LEU A 100 -1.93 -4.84 0.86
N SER A 101 -3.12 -4.29 0.67
CA SER A 101 -3.86 -3.73 1.78
C SER A 101 -4.93 -4.72 2.24
N TRP A 102 -5.64 -4.40 3.31
CA TRP A 102 -6.59 -5.36 3.89
C TRP A 102 -7.78 -4.62 4.45
N HIS A 103 -8.77 -4.40 3.59
CA HIS A 103 -10.01 -3.81 4.11
C HIS A 103 -10.88 -4.92 4.75
N VAL A 104 -10.45 -5.30 5.95
CA VAL A 104 -11.01 -6.47 6.65
C VAL A 104 -12.38 -6.14 7.23
N ARG A 105 -13.24 -7.16 7.19
CA ARG A 105 -14.57 -7.06 7.75
C ARG A 105 -14.52 -6.75 9.26
N ASN A 106 -15.67 -6.33 9.76
CA ASN A 106 -15.83 -6.00 11.18
C ASN A 106 -16.14 -7.31 11.92
N PRO A 107 -15.22 -7.78 12.79
CA PRO A 107 -15.43 -9.10 13.41
C PRO A 107 -16.50 -9.13 14.50
N LYS A 108 -16.96 -7.95 14.93
CA LYS A 108 -17.98 -7.94 15.97
C LYS A 108 -19.38 -7.74 15.36
N THR A 109 -19.50 -6.81 14.42
CA THR A 109 -20.82 -6.50 13.85
C THR A 109 -21.18 -7.31 12.64
N GLY A 110 -20.18 -7.90 11.99
CA GLY A 110 -20.36 -8.61 10.73
C GLY A 110 -20.42 -7.64 9.55
N GLY A 111 -20.27 -6.34 9.81
CA GLY A 111 -20.22 -5.33 8.73
C GLY A 111 -18.90 -5.23 8.04
N ASP A 112 -18.74 -4.19 7.21
CA ASP A 112 -17.49 -4.05 6.48
C ASP A 112 -16.46 -3.13 7.24
N SER A 113 -15.34 -2.81 6.60
CA SER A 113 -14.31 -2.03 7.29
C SER A 113 -14.80 -0.68 7.77
N TRP A 114 -15.77 -0.12 7.02
CA TRP A 114 -16.30 1.18 7.26
C TRP A 114 -17.43 1.19 8.29
N ASP A 115 -17.78 0.03 8.82
CA ASP A 115 -18.82 0.00 9.89
C ASP A 115 -18.20 0.44 11.22
N VAL A 116 -18.49 1.69 11.58
CA VAL A 116 -17.99 2.32 12.79
C VAL A 116 -19.10 2.58 13.78
N THR A 117 -20.18 1.79 13.66
CA THR A 117 -21.33 1.93 14.56
C THR A 117 -20.95 1.59 15.99
N ASP A 118 -19.98 0.69 16.14
CA ASP A 118 -19.62 0.13 17.43
C ASP A 118 -18.12 0.40 17.68
N SER A 119 -17.81 1.15 18.74
CA SER A 119 -16.45 1.60 18.99
C SER A 119 -15.78 0.66 19.96
N THR A 120 -16.30 -0.56 20.09
CA THR A 120 -15.69 -1.54 20.99
C THR A 120 -15.21 -2.80 20.27
N VAL A 121 -15.03 -2.68 18.94
CA VAL A 121 -14.68 -3.82 18.14
C VAL A 121 -13.27 -4.26 18.41
N VAL A 122 -12.32 -3.33 18.44
CA VAL A 122 -10.94 -3.69 18.71
C VAL A 122 -10.84 -4.33 20.11
N ALA A 123 -11.51 -3.76 21.11
CA ALA A 123 -11.50 -4.37 22.43
C ALA A 123 -11.91 -5.84 22.36
N SER A 124 -12.89 -6.15 21.55
CA SER A 124 -13.41 -7.52 21.48
C SER A 124 -12.42 -8.52 20.83
N VAL A 125 -11.39 -8.03 20.14
CA VAL A 125 -10.42 -8.98 19.59
C VAL A 125 -9.11 -9.04 20.37
N MET A 126 -9.03 -8.28 21.45
CA MET A 126 -7.90 -8.42 22.40
C MET A 126 -7.95 -9.77 23.08
N GLN A 127 -6.83 -10.18 23.66
CA GLN A 127 -6.79 -11.40 24.45
C GLN A 127 -7.94 -11.40 25.46
N GLY A 128 -8.66 -12.51 25.56
CA GLY A 128 -9.80 -12.53 26.46
C GLY A 128 -11.10 -12.01 25.87
N GLY A 129 -11.06 -11.41 24.70
CA GLY A 129 -12.28 -10.88 24.10
C GLY A 129 -12.99 -11.95 23.33
N GLU A 130 -14.28 -11.74 23.09
CA GLU A 130 -15.11 -12.79 22.49
C GLU A 130 -14.71 -13.09 21.06
N ASN A 131 -14.03 -12.14 20.42
CA ASN A 131 -13.65 -12.34 19.02
C ASN A 131 -12.16 -12.48 18.78
N HIS A 132 -11.43 -12.76 19.85
CA HIS A 132 -9.97 -12.89 19.76
C HIS A 132 -9.56 -14.11 18.90
N VAL A 133 -10.10 -15.29 19.19
CA VAL A 133 -9.69 -16.47 18.44
C VAL A 133 -10.00 -16.30 16.95
N LYS A 134 -11.18 -15.76 16.65
CA LYS A 134 -11.59 -15.51 15.28
C LYS A 134 -10.64 -14.52 14.61
N MET A 135 -10.27 -13.45 15.33
CA MET A 135 -9.35 -12.47 14.73
C MET A 135 -8.03 -13.17 14.35
N LEU A 136 -7.54 -14.09 15.21
CA LEU A 136 -6.30 -14.76 14.88
C LEU A 136 -6.53 -15.72 13.69
N GLU A 137 -7.69 -16.36 13.59
CA GLU A 137 -8.02 -17.22 12.45
C GLU A 137 -8.03 -16.37 11.15
N TRP A 138 -8.58 -15.15 11.25
CA TRP A 138 -8.63 -14.24 10.10
C TRP A 138 -7.22 -13.86 9.65
N ILE A 139 -6.34 -13.55 10.59
CA ILE A 139 -4.98 -13.20 10.25
C ILE A 139 -4.30 -14.45 9.62
N ASP A 140 -4.60 -15.65 10.12
CA ASP A 140 -4.01 -16.86 9.60
C ASP A 140 -4.45 -17.08 8.16
N ARG A 141 -5.65 -16.63 7.82
CA ARG A 141 -6.15 -16.75 6.44
C ARG A 141 -5.34 -15.85 5.52
N VAL A 142 -5.06 -14.64 5.98
CA VAL A 142 -4.08 -13.79 5.27
C VAL A 142 -2.71 -14.46 5.17
N ALA A 143 -2.22 -15.03 6.27
CA ALA A 143 -0.91 -15.69 6.26
C ALA A 143 -0.85 -16.80 5.18
N ASP A 144 -1.90 -17.64 5.15
CA ASP A 144 -1.92 -18.71 4.16
C ASP A 144 -1.93 -18.19 2.71
N PHE A 145 -2.63 -17.07 2.45
CA PHE A 145 -2.56 -16.49 1.13
C PHE A 145 -1.14 -16.01 0.82
N LEU A 146 -0.52 -15.31 1.75
CA LEU A 146 0.84 -14.80 1.53
C LEU A 146 1.84 -15.93 1.22
N LEU A 147 1.68 -17.05 1.92
CA LEU A 147 2.57 -18.19 1.71
C LEU A 147 2.36 -18.86 0.33
N SER A 148 1.23 -18.59 -0.29
CA SER A 148 0.92 -19.17 -1.60
C SER A 148 1.49 -18.32 -2.73
N LEU A 149 2.02 -17.15 -2.40
CA LEU A 149 2.63 -16.29 -3.41
C LEU A 149 4.05 -16.77 -3.71
N LYS A 150 4.15 -17.72 -4.65
CA LYS A 150 5.44 -18.35 -5.01
C LYS A 150 5.68 -18.30 -6.52
N THR A 151 6.93 -18.19 -6.93
CA THR A 151 7.24 -18.33 -8.35
C THR A 151 7.03 -19.79 -8.76
N LYS A 152 7.03 -20.04 -10.07
CA LYS A 152 6.91 -21.41 -10.53
C LYS A 152 8.12 -22.25 -10.08
N GLU A 153 9.24 -21.61 -9.74
CA GLU A 153 10.41 -22.30 -9.19
C GLU A 153 10.33 -22.48 -7.67
N GLY A 154 9.28 -21.95 -7.04
CA GLY A 154 9.05 -22.14 -5.63
C GLY A 154 9.53 -21.03 -4.72
N VAL A 155 10.00 -19.90 -5.28
CA VAL A 155 10.54 -18.80 -4.44
C VAL A 155 9.40 -17.94 -3.91
N LEU A 156 9.37 -17.69 -2.60
CA LEU A 156 8.31 -16.84 -2.02
C LEU A 156 8.47 -15.41 -2.56
N ILE A 157 7.35 -14.81 -2.92
CA ILE A 157 7.38 -13.44 -3.49
C ILE A 157 7.22 -12.44 -2.38
N PRO A 158 8.21 -11.52 -2.23
CA PRO A 158 8.10 -10.49 -1.19
C PRO A 158 6.89 -9.60 -1.46
N VAL A 159 6.23 -9.19 -0.40
CA VAL A 159 5.09 -8.25 -0.48
C VAL A 159 5.20 -7.21 0.62
N VAL A 160 4.84 -5.97 0.30
CA VAL A 160 4.68 -4.96 1.36
C VAL A 160 3.23 -5.03 1.82
N PHE A 161 3.00 -5.52 3.04
CA PHE A 161 1.64 -5.71 3.54
C PHE A 161 1.31 -4.51 4.44
N ARG A 162 0.16 -3.88 4.19
CA ARG A 162 -0.18 -2.59 4.78
C ARG A 162 -1.55 -2.65 5.42
N PRO A 163 -1.69 -3.41 6.51
CA PRO A 163 -3.00 -3.55 7.15
C PRO A 163 -3.25 -2.34 8.08
N TRP A 164 -4.46 -2.19 8.58
CA TRP A 164 -4.74 -1.23 9.68
C TRP A 164 -4.38 0.19 9.28
N HIS A 165 -4.66 0.51 8.04
CA HIS A 165 -4.25 1.82 7.49
C HIS A 165 -5.19 2.97 7.92
N GLU A 166 -4.70 4.19 7.73
CA GLU A 166 -5.53 5.39 7.92
C GLU A 166 -6.05 5.39 9.33
N HIS A 167 -5.17 5.02 10.27
CA HIS A 167 -5.66 4.80 11.64
C HIS A 167 -5.81 6.07 12.45
N THR A 168 -5.39 7.19 11.91
CA THR A 168 -5.64 8.45 12.64
C THR A 168 -6.98 9.08 12.25
N GLY A 169 -7.62 8.51 11.24
CA GLY A 169 -9.01 8.88 10.96
C GLY A 169 -9.90 7.88 11.69
N SER A 170 -11.20 8.13 11.62
CA SER A 170 -12.16 7.30 12.37
C SER A 170 -13.25 6.73 11.45
N TRP A 171 -12.86 6.42 10.21
CA TRP A 171 -13.80 5.85 9.28
C TRP A 171 -13.67 4.33 9.14
N PHE A 172 -12.65 3.73 9.76
CA PHE A 172 -12.55 2.28 9.84
C PHE A 172 -12.72 1.81 11.29
N TRP A 173 -13.08 0.55 11.48
CA TRP A 173 -13.38 0.12 12.85
C TRP A 173 -12.15 0.02 13.75
N TRP A 174 -10.95 0.13 13.16
CA TRP A 174 -9.67 0.21 13.91
C TRP A 174 -9.16 1.65 14.02
N GLY A 175 -10.01 2.61 13.67
CA GLY A 175 -9.58 4.00 13.65
C GLY A 175 -9.50 4.70 15.02
N LYS A 176 -9.16 5.98 14.98
CA LYS A 176 -8.69 6.70 16.19
C LYS A 176 -9.72 6.72 17.34
N ASP A 177 -10.98 7.01 16.97
CA ASP A 177 -12.04 7.11 17.97
C ASP A 177 -12.60 5.75 18.39
N LEU A 178 -12.06 4.66 17.83
CA LEU A 178 -12.66 3.35 18.03
C LEU A 178 -11.82 2.45 18.86
N CYS A 179 -10.68 2.96 19.34
CA CYS A 179 -9.80 2.12 20.19
C CYS A 179 -8.74 3.00 20.80
N SER A 180 -8.07 2.49 21.82
CA SER A 180 -6.93 3.21 22.42
C SER A 180 -5.66 2.97 21.64
N SER A 181 -4.66 3.77 21.94
N SER A 181 -4.64 3.76 21.91
CA SER A 181 -3.35 3.61 21.31
CA SER A 181 -3.35 3.55 21.26
C SER A 181 -2.77 2.22 21.60
C SER A 181 -2.81 2.16 21.57
N GLU A 182 -2.91 1.73 22.82
CA GLU A 182 -2.37 0.43 23.17
C GLU A 182 -3.15 -0.70 22.52
N GLN A 183 -4.47 -0.56 22.46
CA GLN A 183 -5.26 -1.56 21.75
C GLN A 183 -4.85 -1.64 20.27
N TYR A 184 -4.71 -0.47 19.64
CA TYR A 184 -4.31 -0.43 18.22
C TYR A 184 -2.92 -1.10 18.03
N LYS A 185 -1.96 -0.76 18.91
CA LYS A 185 -0.63 -1.39 18.79
C LYS A 185 -0.75 -2.88 18.96
N THR A 186 -1.68 -3.34 19.81
CA THR A 186 -1.86 -4.79 19.99
C THR A 186 -2.38 -5.45 18.71
N LEU A 187 -3.19 -4.75 17.92
CA LEU A 187 -3.59 -5.32 16.61
C LEU A 187 -2.37 -5.64 15.78
N TRP A 188 -1.45 -4.70 15.75
CA TRP A 188 -0.22 -4.90 15.02
C TRP A 188 0.60 -6.03 15.59
N ARG A 189 0.73 -6.10 16.92
CA ARG A 189 1.47 -7.19 17.49
C ARG A 189 0.86 -8.57 17.22
N MET A 190 -0.47 -8.67 17.32
CA MET A 190 -1.16 -9.92 16.93
C MET A 190 -0.92 -10.29 15.49
N THR A 191 -0.99 -9.29 14.61
CA THR A 191 -0.75 -9.56 13.19
C THR A 191 0.68 -10.07 12.97
N ASN A 192 1.63 -9.35 13.52
CA ASN A 192 3.04 -9.77 13.33
C ASN A 192 3.27 -11.12 13.94
N ASP A 193 2.67 -11.38 15.11
CA ASP A 193 2.91 -12.68 15.76
C ASP A 193 2.40 -13.84 14.91
N ARG A 194 1.21 -13.68 14.37
CA ARG A 194 0.66 -14.78 13.62
C ARG A 194 1.43 -14.96 12.32
N LEU A 195 1.82 -13.84 11.68
CA LEU A 195 2.59 -14.02 10.47
C LEU A 195 3.88 -14.76 10.78
N ARG A 196 4.53 -14.37 11.86
CA ARG A 196 5.79 -15.05 12.20
C ARG A 196 5.64 -16.52 12.54
N LEU A 197 4.61 -16.85 13.32
CA LEU A 197 4.37 -18.23 13.67
C LEU A 197 4.16 -19.09 12.43
N LYS A 198 3.45 -18.52 11.44
CA LYS A 198 3.13 -19.22 10.19
C LYS A 198 4.35 -19.33 9.26
N GLY A 199 5.44 -18.64 9.58
CA GLY A 199 6.62 -18.63 8.74
C GLY A 199 6.44 -17.74 7.54
N VAL A 200 5.63 -16.69 7.68
CA VAL A 200 5.47 -15.76 6.56
C VAL A 200 6.70 -14.85 6.47
N ASN A 201 7.74 -15.32 5.83
CA ASN A 201 9.02 -14.60 5.81
C ASN A 201 9.19 -13.72 4.59
N ASN A 202 8.11 -13.56 3.85
CA ASN A 202 8.12 -12.74 2.64
C ASN A 202 7.29 -11.46 2.81
N VAL A 203 7.17 -10.94 4.04
CA VAL A 203 6.41 -9.71 4.22
CA VAL A 203 6.42 -9.68 4.22
C VAL A 203 7.23 -8.59 4.85
N LEU A 204 7.07 -7.40 4.28
CA LEU A 204 7.49 -6.15 4.90
C LEU A 204 6.23 -5.45 5.36
N LEU A 205 6.22 -4.87 6.55
CA LEU A 205 4.98 -4.22 7.03
C LEU A 205 5.04 -2.72 6.89
N ALA A 206 3.96 -2.10 6.37
CA ALA A 206 3.94 -0.65 6.18
C ALA A 206 2.85 -0.03 7.05
N TYR A 207 3.23 1.06 7.69
CA TYR A 207 2.41 1.88 8.55
C TYR A 207 1.91 3.06 7.74
N SER A 208 0.60 3.40 7.79
CA SER A 208 0.10 4.38 6.79
C SER A 208 -1.13 5.19 7.23
N PRO A 209 -0.96 6.01 8.24
CA PRO A 209 -2.03 6.95 8.61
C PRO A 209 -2.16 8.05 7.56
N GLY A 210 -3.28 8.75 7.60
CA GLY A 210 -3.52 9.87 6.70
C GLY A 210 -2.86 11.16 7.16
N MET A 211 -3.50 12.29 6.85
CA MET A 211 -2.90 13.61 7.12
C MET A 211 -3.35 14.28 8.43
N GLU A 212 -4.00 13.54 9.33
CA GLU A 212 -4.48 14.18 10.56
C GLU A 212 -3.34 14.65 11.41
N SER A 213 -2.25 13.87 11.43
CA SER A 213 -1.11 14.22 12.28
C SER A 213 -0.43 15.48 11.75
N ASP A 214 -0.14 16.41 12.65
CA ASP A 214 0.58 17.62 12.24
C ASP A 214 2.05 17.61 12.52
N THR A 215 2.53 16.60 13.24
CA THR A 215 3.92 16.48 13.67
C THR A 215 4.32 15.02 13.72
N VAL A 216 5.61 14.79 13.81
CA VAL A 216 6.12 13.42 13.97
C VAL A 216 5.59 12.75 15.25
N GLU A 217 5.51 13.52 16.34
CA GLU A 217 4.97 12.98 17.60
C GLU A 217 3.59 12.37 17.37
N GLU A 218 2.75 13.13 16.66
CA GLU A 218 1.39 12.69 16.42
C GLU A 218 1.39 11.48 15.48
N TYR A 219 2.21 11.54 14.44
CA TYR A 219 2.27 10.45 13.49
C TYR A 219 2.63 9.15 14.16
N LEU A 220 3.55 9.22 15.11
CA LEU A 220 4.00 8.00 15.79
C LEU A 220 3.23 7.64 17.04
N GLU A 221 2.18 8.38 17.42
CA GLU A 221 1.50 8.10 18.68
C GLU A 221 1.02 6.64 18.77
N ARG A 222 0.57 6.10 17.63
CA ARG A 222 0.07 4.72 17.63
C ARG A 222 1.01 3.74 16.89
N TYR A 223 2.27 4.12 16.82
CA TYR A 223 3.27 3.31 16.13
C TYR A 223 3.66 2.09 16.97
N PRO A 224 3.55 0.88 16.37
CA PRO A 224 3.77 -0.33 17.17
C PRO A 224 5.26 -0.69 17.34
N GLY A 225 6.17 0.04 16.71
CA GLY A 225 7.57 -0.17 16.99
C GLY A 225 8.44 -0.56 15.81
N ASP A 226 9.72 -0.23 15.95
CA ASP A 226 10.70 -0.46 14.90
C ASP A 226 10.92 -1.92 14.59
N ASP A 227 10.61 -2.78 15.55
CA ASP A 227 10.79 -4.21 15.36
C ASP A 227 9.61 -4.86 14.58
N ILE A 228 8.56 -4.07 14.32
CA ILE A 228 7.40 -4.55 13.59
C ILE A 228 7.31 -3.89 12.22
N ILE A 229 7.47 -2.56 12.19
CA ILE A 229 7.24 -1.79 10.96
C ILE A 229 8.51 -1.71 10.14
N ASP A 230 8.38 -1.90 8.84
CA ASP A 230 9.50 -1.77 7.89
C ASP A 230 9.43 -0.51 7.01
N VAL A 231 8.22 -0.02 6.74
CA VAL A 231 8.06 1.11 5.80
C VAL A 231 7.13 2.13 6.44
N LEU A 232 7.53 3.39 6.45
CA LEU A 232 6.68 4.47 6.97
C LEU A 232 5.93 5.12 5.79
N GLY A 233 4.60 5.04 5.81
CA GLY A 233 3.83 5.60 4.72
C GLY A 233 2.82 6.61 5.18
N THR A 234 2.11 7.15 4.20
CA THR A 234 0.97 8.03 4.51
C THR A 234 0.01 7.96 3.31
N ASP A 235 -1.27 8.15 3.59
CA ASP A 235 -2.30 8.22 2.57
C ASP A 235 -2.86 9.64 2.52
N VAL A 236 -2.66 10.35 1.42
CA VAL A 236 -3.11 11.74 1.31
C VAL A 236 -3.64 11.97 -0.09
N TYR A 237 -4.93 12.30 -0.20
CA TYR A 237 -5.57 12.56 -1.51
C TYR A 237 -5.78 14.05 -1.74
N GLN A 238 -5.85 14.45 -3.00
CA GLN A 238 -6.19 15.82 -3.29
C GLN A 238 -7.70 16.07 -3.32
N PHE A 239 -8.14 17.01 -2.49
CA PHE A 239 -9.52 17.46 -2.52
C PHE A 239 -9.58 18.87 -3.03
N GLU A 240 -8.63 19.68 -2.62
CA GLU A 240 -8.43 21.03 -3.18
C GLU A 240 -6.93 21.23 -3.35
N ARG A 241 -6.51 21.86 -4.45
CA ARG A 241 -5.10 21.79 -4.79
C ARG A 241 -4.18 22.45 -3.77
N SER A 242 -4.50 23.69 -3.35
N SER A 242 -4.50 23.66 -3.31
CA SER A 242 -3.59 24.37 -2.41
CA SER A 242 -3.58 24.36 -2.43
C SER A 242 -3.45 23.59 -1.09
C SER A 242 -3.48 23.69 -1.05
N GLN A 243 -4.56 23.06 -0.60
CA GLN A 243 -4.55 22.34 0.65
C GLN A 243 -3.74 21.06 0.48
N TYR A 244 -3.93 20.39 -0.65
CA TYR A 244 -3.18 19.16 -0.93
C TYR A 244 -1.67 19.43 -0.93
N ILE A 245 -1.25 20.50 -1.60
CA ILE A 245 0.17 20.81 -1.64
C ILE A 245 0.70 21.05 -0.23
N LYS A 246 -0.04 21.81 0.58
CA LYS A 246 0.36 22.06 1.96
C LYS A 246 0.41 20.74 2.77
N GLN A 247 -0.67 19.98 2.70
CA GLN A 247 -0.76 18.80 3.54
C GLN A 247 0.14 17.67 3.07
N LEU A 248 0.33 17.54 1.75
CA LEU A 248 1.28 16.52 1.29
C LEU A 248 2.71 16.92 1.65
N ASN A 249 3.10 18.18 1.40
CA ASN A 249 4.41 18.57 1.89
C ASN A 249 4.56 18.34 3.39
N LYS A 250 3.55 18.70 4.18
CA LYS A 250 3.60 18.48 5.61
C LYS A 250 3.82 16.99 5.93
N MET A 251 3.02 16.10 5.32
CA MET A 251 3.21 14.69 5.66
C MET A 251 4.51 14.11 5.15
N LEU A 252 4.96 14.48 3.94
CA LEU A 252 6.22 13.92 3.49
C LEU A 252 7.41 14.47 4.29
N THR A 253 7.32 15.70 4.80
CA THR A 253 8.33 16.24 5.71
C THR A 253 8.34 15.39 7.00
N ILE A 254 7.16 15.10 7.53
CA ILE A 254 7.05 14.23 8.71
C ILE A 254 7.64 12.85 8.43
N LEU A 255 7.29 12.25 7.30
CA LEU A 255 7.83 10.94 6.93
C LEU A 255 9.35 10.97 6.82
N THR A 256 9.89 11.98 6.15
CA THR A 256 11.33 12.06 5.97
C THR A 256 12.02 12.18 7.34
N GLU A 257 11.49 13.03 8.23
CA GLU A 257 12.06 13.24 9.58
C GLU A 257 11.97 11.93 10.37
N ALA A 258 10.82 11.27 10.31
CA ALA A 258 10.63 10.02 11.08
C ALA A 258 11.48 8.88 10.52
N GLY A 259 11.57 8.81 9.21
CA GLY A 259 12.35 7.77 8.55
C GLY A 259 13.82 7.90 8.86
N LYS A 260 14.34 9.13 8.90
CA LYS A 260 15.71 9.32 9.40
C LYS A 260 15.83 8.93 10.87
N LYS A 261 14.92 9.37 11.73
CA LYS A 261 14.99 9.06 13.16
C LYS A 261 14.97 7.55 13.43
N HIS A 262 14.19 6.79 12.64
CA HIS A 262 13.98 5.38 12.92
C HIS A 262 14.61 4.46 11.88
N ASP A 263 15.36 5.04 10.93
CA ASP A 263 15.99 4.26 9.84
C ASP A 263 14.98 3.36 9.11
N LYS A 264 13.93 3.99 8.57
CA LYS A 264 12.94 3.30 7.76
C LYS A 264 12.84 4.02 6.46
N PRO A 265 12.63 3.29 5.35
CA PRO A 265 12.26 3.91 4.08
C PRO A 265 10.84 4.45 4.20
N ILE A 266 10.50 5.36 3.30
CA ILE A 266 9.22 6.05 3.34
C ILE A 266 8.50 5.92 1.99
N ALA A 267 7.20 6.10 2.03
CA ALA A 267 6.42 5.97 0.81
C ALA A 267 5.11 6.75 0.90
N LEU A 268 4.64 7.22 -0.25
CA LEU A 268 3.31 7.79 -0.33
C LEU A 268 2.41 6.64 -0.78
N THR A 269 1.82 5.95 0.21
CA THR A 269 1.23 4.64 -0.02
C THR A 269 -0.15 4.71 -0.67
N GLU A 270 -0.83 5.86 -0.57
CA GLU A 270 -2.03 6.12 -1.40
C GLU A 270 -2.06 7.62 -1.68
N THR A 271 -2.36 8.00 -2.90
CA THR A 271 -2.67 9.36 -3.24
C THR A 271 -3.46 9.35 -4.54
N GLY A 272 -3.82 10.55 -4.98
CA GLY A 272 -4.54 10.70 -6.24
C GLY A 272 -5.48 11.87 -6.24
N LEU A 273 -5.96 12.19 -7.43
CA LEU A 273 -7.02 13.20 -7.65
C LEU A 273 -8.13 12.50 -8.38
N GLU A 274 -9.26 12.28 -7.70
CA GLU A 274 -10.31 11.48 -8.32
C GLU A 274 -10.76 12.04 -9.70
N GLY A 275 -10.74 11.20 -10.74
CA GLY A 275 -11.16 11.64 -12.06
C GLY A 275 -10.17 12.54 -12.77
N ILE A 276 -8.98 12.69 -12.17
CA ILE A 276 -7.94 13.65 -12.59
C ILE A 276 -8.40 14.70 -13.59
N PRO A 277 -9.27 15.62 -13.14
CA PRO A 277 -9.86 16.58 -14.09
C PRO A 277 -8.86 17.64 -14.52
N ASP A 278 -7.74 17.74 -13.78
CA ASP A 278 -6.68 18.68 -14.06
C ASP A 278 -5.76 18.04 -15.06
N SER A 279 -5.73 18.61 -16.27
CA SER A 279 -5.02 17.96 -17.36
C SER A 279 -3.49 17.97 -17.13
N LEU A 280 -3.03 18.79 -16.17
CA LEU A 280 -1.59 18.90 -15.86
C LEU A 280 -1.30 18.45 -14.45
N TRP A 281 -2.12 17.55 -13.92
CA TRP A 281 -1.97 17.19 -12.49
C TRP A 281 -0.63 16.56 -12.19
N TRP A 282 -0.18 15.68 -13.08
CA TRP A 282 1.01 14.84 -12.80
C TRP A 282 2.29 15.67 -12.72
N THR A 283 2.54 16.51 -13.75
CA THR A 283 3.75 17.33 -13.71
C THR A 283 3.55 18.65 -13.03
N GLY A 284 2.31 19.08 -12.94
CA GLY A 284 2.08 20.40 -12.40
C GLY A 284 1.75 20.44 -10.93
N THR A 285 1.29 19.34 -10.38
CA THR A 285 0.97 19.27 -8.94
C THR A 285 1.74 18.15 -8.23
N LEU A 286 1.60 16.90 -8.69
CA LEU A 286 2.21 15.80 -7.93
C LEU A 286 3.75 15.81 -7.96
N LEU A 287 4.32 15.84 -9.16
CA LEU A 287 5.79 15.71 -9.29
C LEU A 287 6.55 16.81 -8.54
N PRO A 288 6.11 18.07 -8.64
CA PRO A 288 6.93 19.07 -7.91
C PRO A 288 6.93 18.89 -6.42
N VAL A 289 5.91 18.23 -5.86
CA VAL A 289 5.92 17.95 -4.44
C VAL A 289 6.76 16.73 -4.15
N ILE A 290 6.49 15.59 -4.80
CA ILE A 290 7.12 14.35 -4.36
C ILE A 290 8.60 14.31 -4.70
N GLU A 291 9.05 15.04 -5.72
CA GLU A 291 10.46 14.96 -6.10
C GLU A 291 11.39 15.55 -5.07
N LYS A 292 10.83 16.27 -4.09
CA LYS A 292 11.63 16.88 -3.03
C LYS A 292 11.93 15.91 -1.88
N TYR A 293 11.41 14.69 -1.94
CA TYR A 293 11.48 13.79 -0.80
C TYR A 293 11.95 12.44 -1.26
N PRO A 294 12.66 11.71 -0.38
CA PRO A 294 13.27 10.42 -0.75
C PRO A 294 12.29 9.27 -0.73
N LEU A 295 11.21 9.40 -1.46
CA LEU A 295 10.19 8.37 -1.43
C LEU A 295 10.66 7.12 -2.13
N SER A 296 10.33 5.95 -1.57
CA SER A 296 10.62 4.69 -2.26
CA SER A 296 10.67 4.73 -2.28
C SER A 296 9.59 4.40 -3.33
N TYR A 297 8.34 4.80 -3.08
CA TYR A 297 7.31 4.63 -4.09
C TYR A 297 6.15 5.59 -3.80
N VAL A 298 5.32 5.79 -4.83
CA VAL A 298 4.10 6.60 -4.75
C VAL A 298 3.04 5.80 -5.46
N LEU A 299 1.89 5.62 -4.83
CA LEU A 299 0.89 4.75 -5.41
C LEU A 299 -0.42 5.49 -5.52
N VAL A 300 -1.03 5.45 -6.70
CA VAL A 300 -2.35 6.07 -6.87
C VAL A 300 -3.42 4.97 -6.89
N TRP A 301 -4.65 5.36 -6.53
CA TRP A 301 -5.70 4.39 -6.25
C TRP A 301 -6.33 3.85 -7.55
N ARG A 302 -7.27 2.91 -7.38
CA ARG A 302 -7.75 2.05 -8.48
C ARG A 302 -8.56 2.77 -9.54
N ASN A 303 -8.64 2.17 -10.71
CA ASN A 303 -9.51 2.68 -11.79
C ASN A 303 -10.75 1.82 -11.83
N ALA A 304 -11.80 2.26 -11.12
CA ALA A 304 -12.95 1.38 -10.84
C ALA A 304 -13.81 1.09 -12.05
N ARG A 305 -13.76 -0.14 -12.52
CA ARG A 305 -14.47 -0.53 -13.71
C ARG A 305 -15.95 -0.40 -13.49
N GLU A 306 -16.35 -0.54 -12.25
CA GLU A 306 -17.77 -0.57 -11.89
C GLU A 306 -18.32 0.81 -11.54
N LYS A 307 -17.46 1.83 -11.51
CA LYS A 307 -17.89 3.20 -11.21
C LYS A 307 -16.94 4.13 -11.97
N SER A 308 -17.27 4.43 -13.23
CA SER A 308 -16.29 4.92 -14.17
C SER A 308 -15.79 6.37 -13.90
N THR A 309 -16.41 7.07 -12.94
CA THR A 309 -15.94 8.38 -12.46
C THR A 309 -14.85 8.23 -11.38
N HIS A 310 -14.71 7.02 -10.86
CA HIS A 310 -13.85 6.79 -9.71
C HIS A 310 -12.54 6.20 -10.19
N TYR A 311 -11.57 7.06 -10.56
CA TYR A 311 -10.29 6.53 -11.06
C TYR A 311 -9.20 7.51 -10.72
N TYR A 312 -8.00 7.00 -10.56
CA TYR A 312 -6.88 7.83 -10.10
C TYR A 312 -5.66 7.72 -10.99
N ALA A 313 -5.62 6.76 -11.91
CA ALA A 313 -4.61 6.73 -12.98
C ALA A 313 -5.30 7.10 -14.27
N PRO A 314 -4.56 7.65 -15.25
CA PRO A 314 -5.24 7.91 -16.50
C PRO A 314 -5.56 6.62 -17.25
N TYR A 315 -6.26 6.80 -18.37
CA TYR A 315 -6.49 5.75 -19.33
C TYR A 315 -6.48 6.44 -20.68
N PRO A 316 -6.44 5.68 -21.78
CA PRO A 316 -6.35 6.38 -23.07
C PRO A 316 -7.50 7.38 -23.36
N GLY A 317 -7.12 8.62 -23.71
CA GLY A 317 -8.12 9.63 -24.01
C GLY A 317 -8.48 10.48 -22.78
N GLN A 318 -8.08 10.05 -21.60
CA GLN A 318 -8.42 10.80 -20.39
C GLN A 318 -7.66 12.11 -20.43
N VAL A 319 -8.25 13.19 -19.89
CA VAL A 319 -7.69 14.53 -20.10
C VAL A 319 -6.30 14.70 -19.57
N SER A 320 -5.88 13.90 -18.57
CA SER A 320 -4.52 14.06 -18.03
C SER A 320 -3.53 13.09 -18.64
N ALA A 321 -3.94 12.32 -19.65
CA ALA A 321 -3.05 11.24 -20.13
C ALA A 321 -1.74 11.70 -20.74
N ASP A 322 -1.78 12.71 -21.61
CA ASP A 322 -0.53 13.20 -22.19
C ASP A 322 0.42 13.69 -21.11
N ASP A 323 -0.11 14.34 -20.08
CA ASP A 323 0.75 14.86 -19.03
C ASP A 323 1.31 13.69 -18.18
N PHE A 324 0.53 12.63 -17.98
CA PHE A 324 1.03 11.45 -17.32
C PHE A 324 2.20 10.85 -18.10
N VAL A 325 2.10 10.86 -19.43
CA VAL A 325 3.24 10.36 -20.24
C VAL A 325 4.49 11.19 -19.92
N LYS A 326 4.35 12.52 -19.89
CA LYS A 326 5.47 13.39 -19.58
C LYS A 326 6.04 13.12 -18.17
N PHE A 327 5.13 12.97 -17.21
CA PHE A 327 5.50 12.58 -15.84
C PHE A 327 6.28 11.28 -15.81
N SER A 328 5.83 10.32 -16.60
CA SER A 328 6.45 9.00 -16.59
C SER A 328 7.85 9.06 -17.13
N ARG A 329 8.14 10.07 -17.93
CA ARG A 329 9.46 10.21 -18.49
C ARG A 329 10.45 10.91 -17.55
N SER A 330 9.99 11.40 -16.41
CA SER A 330 10.89 11.98 -15.43
C SER A 330 11.88 10.93 -14.97
N PRO A 331 13.15 11.31 -14.83
CA PRO A 331 14.09 10.27 -14.42
C PRO A 331 13.86 9.88 -12.96
N LYS A 332 13.09 10.70 -12.26
CA LYS A 332 12.79 10.44 -10.85
C LYS A 332 11.73 9.38 -10.67
N ILE A 333 11.02 9.01 -11.72
CA ILE A 333 9.87 8.12 -11.51
C ILE A 333 10.06 6.82 -12.24
N LEU A 334 9.89 5.70 -11.53
CA LEU A 334 10.36 4.42 -12.02
C LEU A 334 9.21 3.47 -12.34
N PHE A 335 9.30 2.85 -13.50
CA PHE A 335 8.33 1.90 -14.00
C PHE A 335 9.12 0.64 -14.30
N VAL A 336 8.42 -0.47 -14.46
CA VAL A 336 9.07 -1.68 -14.91
C VAL A 336 9.84 -1.47 -16.21
N GLY A 337 11.08 -1.95 -16.29
CA GLY A 337 12.01 -1.64 -17.39
C GLY A 337 13.08 -0.59 -17.04
N ASP A 338 12.82 0.22 -16.02
CA ASP A 338 13.81 1.22 -15.60
C ASP A 338 14.93 0.60 -14.76
N ASN A 339 15.91 1.42 -14.37
CA ASN A 339 17.15 0.90 -13.82
C ASN A 339 17.08 0.63 -12.34
N PHE A 340 16.43 -0.48 -11.98
CA PHE A 340 16.41 -0.94 -10.61
C PHE A 340 16.31 -2.47 -10.67
N GLU A 341 16.75 -3.16 -9.62
CA GLU A 341 16.60 -4.61 -9.52
C GLU A 341 16.26 -4.83 -8.05
N LEU A 342 14.99 -4.96 -7.76
CA LEU A 342 14.52 -4.98 -6.39
C LEU A 342 14.92 -6.21 -5.58
N TYR A 343 15.23 -7.33 -6.24
CA TYR A 343 15.32 -8.57 -5.51
C TYR A 343 16.76 -9.07 -5.54
N LYS A 344 17.69 -8.20 -5.97
CA LYS A 344 19.12 -8.51 -6.03
C LYS A 344 19.81 -7.78 -4.90
N LEU A 345 20.45 -8.53 -4.01
CA LEU A 345 21.20 -7.93 -2.91
C LEU A 345 22.50 -7.34 -3.47
N GLU A 346 22.79 -6.09 -3.17
CA GLU A 346 24.15 -5.69 -3.44
C GLU A 346 24.81 -5.77 -2.07
N HIS A 347 25.76 -6.68 -1.99
CA HIS A 347 26.24 -7.19 -0.71
C HIS A 347 27.28 -6.26 -0.09
N HIS A 348 26.79 -5.19 0.51
CA HIS A 348 27.68 -4.25 1.20
C HIS A 348 26.84 -3.43 2.16
N HIS A 349 27.41 -3.10 3.30
CA HIS A 349 26.71 -2.28 4.28
C HIS A 349 26.45 -0.87 3.74
N HIS A 350 25.54 -0.11 4.34
CA HIS A 350 25.63 1.32 4.09
C HIS A 350 26.80 1.76 4.95
N HIS A 351 27.42 2.89 4.63
CA HIS A 351 28.69 3.22 5.29
C HIS A 351 28.54 3.48 6.78
#